data_1SHJ
#
_entry.id   1SHJ
#
_cell.length_a   91.097
_cell.length_b   91.097
_cell.length_c   184.465
_cell.angle_alpha   90.00
_cell.angle_beta   90.00
_cell.angle_gamma   120.00
#
_symmetry.space_group_name_H-M   'P 32 2 1'
#
loop_
_entity.id
_entity.type
_entity.pdbx_description
1 polymer Caspase-7
2 non-polymer 'SULFATE ION'
3 non-polymer 2-(2,4-DICHLORO-PHENOXY)-N-(2-MERCAPTO-ETHYL)-ACETAMIDE
#
_entity_poly.entity_id   1
_entity_poly.type   'polypeptide(L)'
_entity_poly.pdbx_seq_one_letter_code
;TTRDRVPTYQYNMNFEKLGKCIIINNKNFDKVTGMGVRNGTDKDAEALFKCFRSLGFDVIVYNDCSCAKMQDLLKKASEE
DHTNAACFACILLSHGEENVIYGKDGVTPIKDLTAHFRGARCKTLLEKPKLFFIQACRGTELDDGIQADSGPINDTDANP
RYKIPVEADFLFAYSTVPGYYSWRSPGRGSWFVQALCSILEEHGKDLEIMQILTRVNDRVARHFESQSDDPHFHEKKQIP
CVVSMLTKELYFSQQLHHHHHH
;
_entity_poly.pdbx_strand_id   A,B
#
loop_
_chem_comp.id
_chem_comp.type
_chem_comp.name
_chem_comp.formula
NXN non-polymer 2-(2,4-DICHLORO-PHENOXY)-N-(2-MERCAPTO-ETHYL)-ACETAMIDE 'C10 H11 Cl2 N O2 S'
SO4 non-polymer 'SULFATE ION' 'O4 S -2'
#
# COMPACT_ATOMS: atom_id res chain seq x y z
N THR A 8 21.76 -6.87 -2.72
CA THR A 8 21.65 -6.48 -1.29
C THR A 8 20.17 -6.25 -0.98
N TYR A 9 19.88 -5.59 0.14
CA TYR A 9 18.49 -5.38 0.54
C TYR A 9 18.09 -3.91 0.45
N GLN A 10 19.08 -3.08 -0.07
CA GLN A 10 18.69 -1.70 -0.35
C GLN A 10 18.86 -1.32 -1.81
N TYR A 11 18.08 -0.34 -2.25
CA TYR A 11 18.22 0.22 -3.58
C TYR A 11 19.57 0.93 -3.65
N ASN A 12 20.33 0.62 -4.68
CA ASN A 12 21.65 1.20 -4.84
C ASN A 12 21.56 2.70 -5.15
N MET A 13 22.07 3.53 -4.25
CA MET A 13 21.92 4.98 -4.35
C MET A 13 23.18 5.67 -4.86
N ASN A 14 24.06 4.88 -5.48
CA ASN A 14 25.34 5.39 -5.97
C ASN A 14 25.28 5.88 -7.40
N PHE A 15 24.75 7.09 -7.58
CA PHE A 15 24.57 7.65 -8.90
C PHE A 15 24.93 9.13 -8.83
N GLU A 16 25.17 9.76 -9.98
CA GLU A 16 25.47 11.18 -9.99
C GLU A 16 24.40 11.98 -9.20
N LYS A 17 23.15 11.94 -9.66
CA LYS A 17 22.06 12.64 -8.99
C LYS A 17 21.08 11.66 -8.32
N LEU A 18 20.29 12.16 -7.36
CA LEU A 18 19.22 11.38 -6.74
C LEU A 18 18.17 11.03 -7.78
N GLY A 19 17.77 12.03 -8.56
CA GLY A 19 16.77 11.89 -9.60
C GLY A 19 15.91 13.14 -9.76
N LYS A 20 15.05 13.11 -10.79
CA LYS A 20 14.09 14.20 -11.05
C LYS A 20 12.91 14.15 -10.07
N CYS A 21 12.34 15.33 -9.78
CA CYS A 21 11.14 15.40 -8.97
C CYS A 21 10.19 16.45 -9.54
N ILE A 22 9.11 15.98 -10.14
CA ILE A 22 8.09 16.85 -10.70
C ILE A 22 7.03 17.16 -9.65
N ILE A 23 6.69 18.43 -9.47
CA ILE A 23 5.55 18.84 -8.63
C ILE A 23 4.44 19.49 -9.48
N ILE A 24 3.32 18.78 -9.69
CA ILE A 24 2.12 19.38 -10.29
C ILE A 24 1.31 20.07 -9.18
N ASN A 25 1.05 21.36 -9.31
CA ASN A 25 0.50 22.13 -8.21
C ASN A 25 -0.85 22.81 -8.50
N ASN A 26 -1.82 22.04 -8.98
CA ASN A 26 -3.12 22.57 -9.41
C ASN A 26 -3.96 23.27 -8.33
N LYS A 27 -3.99 24.61 -8.40
CA LYS A 27 -4.67 25.47 -7.41
C LYS A 27 -5.98 26.05 -7.96
N ASN A 28 -5.90 26.64 -9.15
CA ASN A 28 -7.05 27.25 -9.81
C ASN A 28 -7.57 26.33 -10.88
N PHE A 29 -8.89 26.21 -10.92
CA PHE A 29 -9.53 25.30 -11.86
C PHE A 29 -10.49 26.01 -12.80
N ASP A 30 -10.64 25.45 -14.00
CA ASP A 30 -11.56 26.00 -14.97
C ASP A 30 -12.98 25.93 -14.41
N LYS A 31 -13.65 27.09 -14.42
CA LYS A 31 -15.09 27.22 -14.14
C LYS A 31 -15.95 25.98 -14.49
N VAL A 32 -15.70 25.40 -15.67
CA VAL A 32 -16.41 24.23 -16.20
C VAL A 32 -16.26 22.91 -15.40
N THR A 33 -15.74 22.99 -14.17
CA THR A 33 -15.56 21.79 -13.32
C THR A 33 -16.22 22.04 -11.98
N GLY A 34 -16.70 23.26 -11.78
CA GLY A 34 -17.25 23.71 -10.51
C GLY A 34 -16.33 23.45 -9.33
N MET A 35 -15.02 23.47 -9.58
CA MET A 35 -14.00 23.18 -8.55
C MET A 35 -13.42 24.45 -7.89
N GLY A 36 -13.34 24.45 -6.57
CA GLY A 36 -12.93 25.63 -5.81
C GLY A 36 -11.43 25.88 -5.73
N VAL A 37 -11.07 27.09 -5.30
CA VAL A 37 -9.67 27.47 -5.07
C VAL A 37 -9.09 26.71 -3.88
N ARG A 38 -8.09 25.87 -4.17
CA ARG A 38 -7.41 25.07 -3.15
C ARG A 38 -6.43 25.96 -2.38
N ASN A 39 -6.95 26.78 -1.49
CA ASN A 39 -6.13 27.69 -0.69
C ASN A 39 -5.09 26.93 0.15
N GLY A 40 -3.85 27.41 0.14
CA GLY A 40 -2.78 26.75 0.90
C GLY A 40 -1.96 25.72 0.11
N THR A 41 -2.46 25.30 -1.06
CA THR A 41 -1.68 24.41 -1.91
C THR A 41 -0.36 25.07 -2.31
N ASP A 42 -0.33 26.39 -2.21
CA ASP A 42 0.89 27.16 -2.46
C ASP A 42 1.86 27.03 -1.27
N LYS A 43 1.37 27.22 -0.06
CA LYS A 43 2.15 26.88 1.13
C LYS A 43 2.63 25.42 1.08
N ASP A 44 1.76 24.51 0.62
CA ASP A 44 2.13 23.10 0.46
C ASP A 44 3.29 22.91 -0.51
N ALA A 45 3.08 23.33 -1.76
CA ALA A 45 4.07 23.14 -2.82
C ALA A 45 5.41 23.79 -2.52
N GLU A 46 5.40 24.95 -1.85
CA GLU A 46 6.66 25.53 -1.44
C GLU A 46 7.35 24.56 -0.48
N ALA A 47 6.66 24.22 0.62
CA ALA A 47 7.19 23.29 1.60
C ALA A 47 7.83 22.08 0.91
N LEU A 48 7.10 21.52 -0.07
CA LEU A 48 7.52 20.30 -0.75
C LEU A 48 8.77 20.51 -1.61
N PHE A 49 8.83 21.64 -2.32
CA PHE A 49 9.99 22.00 -3.14
C PHE A 49 11.25 22.04 -2.28
N LYS A 50 11.20 22.83 -1.21
CA LYS A 50 12.32 23.02 -0.30
C LYS A 50 12.76 21.69 0.31
N CYS A 51 11.79 20.91 0.75
CA CYS A 51 12.04 19.64 1.41
C CYS A 51 12.71 18.62 0.48
N PHE A 52 12.13 18.45 -0.71
CA PHE A 52 12.62 17.45 -1.66
C PHE A 52 13.92 17.84 -2.34
N ARG A 53 14.11 19.15 -2.54
CA ARG A 53 15.33 19.68 -3.13
C ARG A 53 16.45 19.46 -2.13
N SER A 54 16.13 19.70 -0.87
CA SER A 54 17.02 19.38 0.24
C SER A 54 17.47 17.90 0.26
N LEU A 55 16.55 16.98 -0.02
CA LEU A 55 16.91 15.56 -0.11
C LEU A 55 17.96 15.34 -1.20
N GLY A 56 17.82 16.09 -2.29
CA GLY A 56 18.76 16.07 -3.39
C GLY A 56 18.10 15.94 -4.75
N PHE A 57 16.79 16.19 -4.83
CA PHE A 57 16.06 16.01 -6.08
C PHE A 57 16.18 17.24 -6.96
N ASP A 58 16.08 17.03 -8.26
CA ASP A 58 16.03 18.14 -9.21
C ASP A 58 14.57 18.53 -9.37
N VAL A 59 14.10 19.35 -8.43
CA VAL A 59 12.69 19.70 -8.37
C VAL A 59 12.36 20.81 -9.36
N ILE A 60 11.28 20.60 -10.09
CA ILE A 60 10.67 21.63 -10.92
C ILE A 60 9.15 21.63 -10.67
N VAL A 61 8.61 22.81 -10.39
CA VAL A 61 7.18 22.95 -10.08
C VAL A 61 6.43 23.44 -11.30
N TYR A 62 5.24 22.89 -11.50
CA TYR A 62 4.36 23.30 -12.59
C TYR A 62 2.99 23.61 -12.01
N ASN A 63 2.39 24.72 -12.42
CA ASN A 63 1.13 25.19 -11.82
C ASN A 63 -0.08 25.08 -12.72
N ASP A 64 -1.26 25.06 -12.09
CA ASP A 64 -2.54 25.07 -12.78
C ASP A 64 -2.50 24.35 -14.13
N CYS A 65 -2.06 23.10 -14.08
CA CYS A 65 -1.82 22.30 -15.28
C CYS A 65 -3.10 21.76 -15.86
N SER A 66 -3.17 21.80 -17.18
CA SER A 66 -4.21 21.10 -17.93
C SER A 66 -3.88 19.61 -17.96
N CYS A 67 -4.89 18.79 -18.28
CA CYS A 67 -4.77 17.34 -18.27
C CYS A 67 -3.71 16.84 -19.24
N ALA A 68 -3.66 17.43 -20.42
CA ALA A 68 -2.64 17.09 -21.40
C ALA A 68 -1.25 17.63 -21.00
N LYS A 69 -1.21 18.76 -20.27
CA LYS A 69 0.04 19.24 -19.65
C LYS A 69 0.58 18.20 -18.67
N MET A 70 -0.29 17.72 -17.79
CA MET A 70 0.06 16.69 -16.81
C MET A 70 0.56 15.44 -17.52
N GLN A 71 -0.06 15.08 -18.64
CA GLN A 71 0.29 13.87 -19.34
C GLN A 71 1.59 14.03 -20.13
N ASP A 72 1.77 15.22 -20.71
CA ASP A 72 2.99 15.52 -21.46
C ASP A 72 4.19 15.59 -20.52
N LEU A 73 4.07 16.43 -19.49
CA LEU A 73 5.07 16.49 -18.42
C LEU A 73 5.59 15.09 -18.15
N LEU A 74 4.68 14.20 -17.75
CA LEU A 74 5.07 12.87 -17.35
C LEU A 74 5.60 11.97 -18.48
N LYS A 75 5.04 12.07 -19.68
CA LYS A 75 5.57 11.30 -20.81
C LYS A 75 6.98 11.77 -21.19
N LYS A 76 7.17 13.10 -21.20
CA LYS A 76 8.48 13.69 -21.49
C LYS A 76 9.51 13.20 -20.46
N ALA A 77 9.15 13.33 -19.19
CA ALA A 77 9.96 12.80 -18.09
C ALA A 77 10.40 11.36 -18.33
N SER A 78 9.45 10.47 -18.56
CA SER A 78 9.74 9.06 -18.86
C SER A 78 10.72 8.91 -20.04
N GLU A 79 10.54 9.77 -21.04
CA GLU A 79 11.36 9.68 -22.25
C GLU A 79 12.80 10.18 -22.05
N GLU A 80 13.05 10.95 -20.97
CA GLU A 80 14.40 11.43 -20.62
C GLU A 80 15.35 10.27 -20.30
N ASP A 81 16.65 10.49 -20.44
CA ASP A 81 17.63 9.46 -20.09
C ASP A 81 17.95 9.51 -18.60
N HIS A 82 17.74 8.41 -17.91
CA HIS A 82 17.86 8.39 -16.45
C HIS A 82 19.01 7.55 -15.93
N THR A 83 20.02 7.34 -16.78
CA THR A 83 21.17 6.49 -16.45
C THR A 83 21.96 6.94 -15.21
N ASN A 84 22.01 8.25 -14.95
CA ASN A 84 22.74 8.75 -13.78
C ASN A 84 21.84 9.07 -12.60
N ALA A 85 20.57 8.71 -12.72
CA ALA A 85 19.58 8.95 -11.67
C ALA A 85 19.41 7.70 -10.81
N ALA A 86 19.30 7.91 -9.49
CA ALA A 86 19.10 6.83 -8.54
C ALA A 86 17.63 6.43 -8.46
N CYS A 87 16.73 7.36 -8.82
CA CYS A 87 15.28 7.14 -8.76
C CYS A 87 14.52 8.32 -9.38
N PHE A 88 13.17 8.25 -9.35
CA PHE A 88 12.29 9.28 -9.89
C PHE A 88 11.13 9.57 -8.93
N ALA A 89 10.65 10.81 -8.90
CA ALA A 89 9.61 11.19 -7.95
C ALA A 89 8.65 12.23 -8.49
N CYS A 90 7.36 11.90 -8.48
CA CYS A 90 6.31 12.80 -8.91
C CYS A 90 5.43 13.08 -7.72
N ILE A 91 4.95 14.32 -7.61
CA ILE A 91 4.06 14.75 -6.53
C ILE A 91 2.89 15.48 -7.17
N LEU A 92 1.68 15.09 -6.81
CA LEU A 92 0.46 15.71 -7.35
C LEU A 92 -0.34 16.40 -6.25
N LEU A 93 -0.64 17.67 -6.44
CA LEU A 93 -1.51 18.41 -5.52
C LEU A 93 -2.69 18.92 -6.31
N SER A 94 -3.90 18.56 -5.85
CA SER A 94 -5.09 18.78 -6.66
C SER A 94 -6.39 18.33 -6.01
N HIS A 95 -7.47 18.49 -6.78
CA HIS A 95 -8.75 17.86 -6.50
C HIS A 95 -8.70 16.47 -7.09
N GLY A 96 -9.19 15.52 -6.32
CA GLY A 96 -9.19 14.14 -6.77
C GLY A 96 -10.35 13.38 -6.22
N GLU A 97 -10.92 12.53 -7.07
CA GLU A 97 -12.02 11.71 -6.62
C GLU A 97 -11.54 10.26 -6.39
N GLU A 98 -11.64 9.40 -7.40
CA GLU A 98 -11.40 7.98 -7.17
C GLU A 98 -10.07 7.52 -7.75
N ASN A 99 -10.07 7.26 -9.05
CA ASN A 99 -8.93 6.77 -9.81
C ASN A 99 -8.31 7.92 -10.58
N VAL A 100 -8.65 9.13 -10.15
CA VAL A 100 -8.65 10.28 -11.01
C VAL A 100 -8.17 11.56 -10.31
N ILE A 101 -7.33 12.31 -11.03
CA ILE A 101 -6.93 13.66 -10.64
C ILE A 101 -7.60 14.68 -11.52
N TYR A 102 -7.84 15.84 -10.92
CA TYR A 102 -8.28 17.01 -11.65
C TYR A 102 -7.11 17.82 -12.18
N GLY A 103 -7.08 18.03 -13.49
CA GLY A 103 -6.30 19.11 -14.06
C GLY A 103 -7.08 20.42 -13.97
N LYS A 104 -6.54 21.47 -14.59
CA LYS A 104 -7.27 22.71 -14.83
C LYS A 104 -8.63 22.41 -15.48
N ASP A 105 -8.55 21.85 -16.69
CA ASP A 105 -9.67 21.71 -17.60
C ASP A 105 -10.47 20.40 -17.49
N GLY A 106 -10.45 19.77 -16.33
CA GLY A 106 -11.19 18.52 -16.15
C GLY A 106 -10.46 17.43 -15.38
N VAL A 107 -10.79 16.16 -15.68
CA VAL A 107 -10.23 15.05 -14.93
C VAL A 107 -9.37 14.11 -15.77
N THR A 108 -8.26 13.66 -15.17
CA THR A 108 -7.37 12.68 -15.78
C THR A 108 -7.16 11.54 -14.80
N PRO A 109 -7.15 10.31 -15.31
CA PRO A 109 -6.90 9.13 -14.48
C PRO A 109 -5.43 9.01 -14.04
N ILE A 110 -5.23 8.78 -12.73
CA ILE A 110 -3.91 8.66 -12.12
C ILE A 110 -3.01 7.69 -12.86
N LYS A 111 -3.53 6.49 -13.06
CA LYS A 111 -2.75 5.39 -13.66
C LYS A 111 -2.17 5.76 -15.03
N ASP A 112 -2.84 6.67 -15.72
CA ASP A 112 -2.39 7.11 -17.04
C ASP A 112 -1.07 7.91 -16.95
N LEU A 113 -0.91 8.66 -15.86
CA LEU A 113 0.30 9.44 -15.60
C LEU A 113 1.52 8.54 -15.34
N THR A 114 1.30 7.43 -14.63
CA THR A 114 2.38 6.51 -14.28
C THR A 114 2.72 5.49 -15.36
N ALA A 115 1.78 5.26 -16.28
CA ALA A 115 1.94 4.23 -17.33
C ALA A 115 3.26 4.36 -18.06
N HIS A 116 3.61 5.59 -18.40
CA HIS A 116 4.82 5.92 -19.15
C HIS A 116 6.13 5.39 -18.51
N PHE A 117 6.05 5.11 -17.20
CA PHE A 117 7.21 4.73 -16.40
C PHE A 117 7.31 3.23 -16.15
N ARG A 118 6.63 2.43 -16.97
CA ARG A 118 6.59 0.98 -16.77
C ARG A 118 7.92 0.27 -16.98
N GLY A 119 7.86 -1.05 -16.97
CA GLY A 119 9.03 -1.89 -17.07
C GLY A 119 9.78 -1.58 -18.35
N ALA A 120 9.08 -1.77 -19.47
CA ALA A 120 9.67 -1.56 -20.79
C ALA A 120 9.79 -0.08 -21.15
N ARG A 121 8.74 0.69 -20.89
CA ARG A 121 8.63 2.06 -21.40
C ARG A 121 9.66 3.05 -20.85
N CYS A 122 10.37 2.65 -19.79
CA CYS A 122 11.43 3.49 -19.23
C CYS A 122 12.65 2.66 -18.83
N LYS A 123 13.29 2.04 -19.81
CA LYS A 123 14.39 1.10 -19.55
C LYS A 123 15.43 1.63 -18.55
N THR A 124 15.68 2.93 -18.59
CA THR A 124 16.66 3.55 -17.70
C THR A 124 16.24 3.53 -16.23
N LEU A 125 14.94 3.71 -15.98
CA LEU A 125 14.42 3.75 -14.61
C LEU A 125 14.10 2.36 -14.05
N LEU A 126 14.32 1.31 -14.86
CA LEU A 126 14.15 -0.07 -14.41
C LEU A 126 14.95 -0.36 -13.15
N GLU A 127 14.38 -1.17 -12.27
CA GLU A 127 15.03 -1.57 -11.01
C GLU A 127 15.35 -0.39 -10.09
N LYS A 128 14.83 0.79 -10.45
CA LYS A 128 14.93 1.99 -9.64
C LYS A 128 13.53 2.46 -9.20
N PRO A 129 13.41 2.93 -7.96
CA PRO A 129 12.12 3.38 -7.44
C PRO A 129 11.48 4.55 -8.21
N LYS A 130 10.19 4.42 -8.53
CA LYS A 130 9.38 5.54 -8.96
C LYS A 130 8.46 5.93 -7.81
N LEU A 131 8.57 7.17 -7.33
CA LEU A 131 7.83 7.60 -6.15
C LEU A 131 6.70 8.54 -6.53
N PHE A 132 5.47 8.19 -6.15
CA PHE A 132 4.30 9.00 -6.45
C PHE A 132 3.60 9.45 -5.18
N PHE A 133 3.61 10.75 -4.94
CA PHE A 133 2.98 11.32 -3.75
C PHE A 133 1.75 12.05 -4.23
N ILE A 134 0.58 11.67 -3.75
CA ILE A 134 -0.67 12.24 -4.22
C ILE A 134 -1.48 12.82 -3.08
N GLN A 135 -1.89 14.07 -3.24
CA GLN A 135 -2.70 14.75 -2.24
C GLN A 135 -3.96 15.24 -2.94
N ALA A 136 -5.00 14.41 -2.92
CA ALA A 136 -6.24 14.65 -3.65
C ALA A 136 -7.38 15.17 -2.75
N CYS A 137 -7.99 16.35 -3.17
CA CYS A 137 -9.10 17.00 -2.47
C CYS A 137 -10.46 16.57 -3.03
N ARG A 138 -11.49 16.67 -2.18
CA ARG A 138 -12.87 16.39 -2.57
C ARG A 138 -13.55 17.65 -3.05
N GLY A 139 -14.84 17.54 -3.29
CA GLY A 139 -15.58 18.76 -3.21
C GLY A 139 -16.21 19.29 -4.48
N THR A 140 -17.38 18.84 -4.91
CA THR A 140 -17.95 19.97 -5.63
C THR A 140 -18.44 21.01 -4.59
N GLU A 141 -18.90 22.07 -5.21
CA GLU A 141 -19.38 23.30 -4.68
C GLU A 141 -19.47 24.27 -5.91
N PRO A 160 -16.52 5.47 -9.29
CA PRO A 160 -16.88 4.74 -8.07
C PRO A 160 -15.78 3.79 -7.57
N ARG A 161 -14.99 3.25 -8.51
CA ARG A 161 -13.90 2.31 -8.23
C ARG A 161 -12.57 2.83 -8.78
N TYR A 162 -11.46 2.23 -8.33
CA TYR A 162 -10.13 2.56 -8.85
C TYR A 162 -9.24 1.33 -9.00
N LYS A 163 -8.35 1.36 -9.99
CA LYS A 163 -7.40 0.27 -10.19
C LYS A 163 -5.96 0.77 -10.04
N ILE A 164 -5.31 0.35 -8.94
CA ILE A 164 -3.89 0.61 -8.75
C ILE A 164 -3.12 -0.30 -9.69
N PRO A 165 -2.27 0.28 -10.54
CA PRO A 165 -1.44 -0.48 -11.48
C PRO A 165 -0.36 -1.24 -10.71
N VAL A 166 0.01 -2.43 -11.18
CA VAL A 166 0.89 -3.30 -10.40
C VAL A 166 2.23 -3.57 -11.08
N GLU A 167 3.25 -2.81 -10.71
CA GLU A 167 4.59 -3.03 -11.26
C GLU A 167 5.71 -2.84 -10.27
N ALA A 168 6.74 -3.68 -10.42
CA ALA A 168 7.91 -3.65 -9.56
C ALA A 168 8.52 -2.25 -9.46
N ASP A 169 8.86 -1.86 -8.24
CA ASP A 169 9.58 -0.60 -7.94
C ASP A 169 8.73 0.68 -8.02
N PHE A 170 7.41 0.52 -7.86
CA PHE A 170 6.50 1.66 -7.74
C PHE A 170 6.07 1.83 -6.30
N LEU A 171 5.87 3.07 -5.88
CA LEU A 171 5.29 3.36 -4.59
C LEU A 171 4.34 4.55 -4.65
N PHE A 172 3.20 4.43 -4.00
CA PHE A 172 2.26 5.54 -3.93
C PHE A 172 2.03 5.89 -2.49
N ALA A 173 1.95 7.17 -2.22
CA ALA A 173 1.53 7.66 -0.92
C ALA A 173 0.35 8.57 -1.23
N TYR A 174 -0.85 8.05 -1.01
CA TYR A 174 -2.10 8.69 -1.40
C TYR A 174 -2.76 9.29 -0.17
N SER A 175 -3.38 10.44 -0.31
CA SER A 175 -4.03 11.08 0.83
C SER A 175 -5.30 11.84 0.45
N THR A 176 -6.18 12.02 1.44
CA THR A 176 -7.40 12.82 1.30
C THR A 176 -7.53 13.69 2.56
N VAL A 177 -8.11 14.89 2.41
CA VAL A 177 -8.27 15.82 3.54
C VAL A 177 -9.70 16.34 3.65
N ARG A 188 -1.86 27.47 7.21
CA ARG A 188 -0.90 26.50 6.70
C ARG A 188 -1.55 25.53 5.71
N GLY A 189 -0.75 24.60 5.19
CA GLY A 189 -1.23 23.65 4.20
C GLY A 189 -1.76 22.36 4.80
N SER A 190 -1.96 21.35 3.95
CA SER A 190 -2.55 20.09 4.38
C SER A 190 -1.73 19.36 5.43
N TRP A 191 -2.42 18.64 6.32
CA TRP A 191 -1.81 17.93 7.43
C TRP A 191 -0.81 16.89 6.96
N PHE A 192 -1.18 16.20 5.87
CA PHE A 192 -0.32 15.22 5.21
C PHE A 192 0.96 15.86 4.72
N VAL A 193 0.80 16.88 3.86
CA VAL A 193 1.94 17.56 3.25
C VAL A 193 2.83 18.13 4.33
N GLN A 194 2.24 18.82 5.30
CA GLN A 194 3.01 19.36 6.41
C GLN A 194 3.86 18.28 7.07
N ALA A 195 3.24 17.15 7.41
CA ALA A 195 3.91 16.06 8.12
C ALA A 195 5.04 15.44 7.29
N LEU A 196 4.77 15.25 5.99
CA LEU A 196 5.74 14.64 5.08
C LEU A 196 7.03 15.45 5.05
N CYS A 197 6.88 16.76 5.04
CA CYS A 197 8.03 17.65 5.01
C CYS A 197 8.75 17.64 6.36
N SER A 198 8.02 17.82 7.44
CA SER A 198 8.60 17.87 8.78
C SER A 198 9.47 16.64 9.05
N ILE A 199 8.95 15.44 8.74
CA ILE A 199 9.64 14.19 9.00
C ILE A 199 10.83 14.02 8.07
N LEU A 200 10.63 14.32 6.78
CA LEU A 200 11.69 14.18 5.76
C LEU A 200 12.82 15.17 5.97
N GLU A 201 12.47 16.41 6.31
CA GLU A 201 13.43 17.44 6.68
C GLU A 201 14.37 16.92 7.78
N GLU A 202 13.84 15.99 8.56
CA GLU A 202 14.39 15.65 9.85
C GLU A 202 15.02 14.26 9.91
N HIS A 203 14.45 13.32 9.17
CA HIS A 203 14.91 11.93 9.16
C HIS A 203 15.11 11.44 7.72
N GLY A 204 15.01 12.35 6.76
CA GLY A 204 15.12 11.98 5.36
C GLY A 204 16.41 11.26 5.01
N LYS A 205 17.44 11.48 5.80
CA LYS A 205 18.76 10.93 5.54
C LYS A 205 19.08 9.66 6.35
N ASP A 206 18.33 9.41 7.41
CA ASP A 206 18.62 8.26 8.29
C ASP A 206 17.55 7.16 8.36
N LEU A 207 16.35 7.43 7.86
CA LEU A 207 15.25 6.46 7.90
C LEU A 207 14.88 5.91 6.52
N GLU A 208 14.43 4.65 6.49
CA GLU A 208 13.96 4.03 5.25
C GLU A 208 12.58 4.59 4.87
N ILE A 209 12.34 4.77 3.56
CA ILE A 209 11.09 5.38 3.06
C ILE A 209 9.82 4.97 3.83
N MET A 210 9.66 3.65 4.07
CA MET A 210 8.46 3.13 4.75
C MET A 210 8.29 3.64 6.19
N GLN A 211 9.38 3.73 6.93
CA GLN A 211 9.36 4.29 8.29
C GLN A 211 8.86 5.73 8.29
N ILE A 212 9.36 6.54 7.35
CA ILE A 212 8.95 7.93 7.21
C ILE A 212 7.45 8.03 6.98
N LEU A 213 6.99 7.38 5.91
CA LEU A 213 5.60 7.40 5.53
C LEU A 213 4.70 6.92 6.67
N THR A 214 5.19 5.95 7.45
CA THR A 214 4.47 5.47 8.62
C THR A 214 4.34 6.56 9.66
N ARG A 215 5.45 7.21 9.98
CA ARG A 215 5.45 8.33 10.92
C ARG A 215 4.48 9.42 10.45
N VAL A 216 4.42 9.62 9.13
CA VAL A 216 3.49 10.55 8.51
C VAL A 216 2.03 10.11 8.74
N ASN A 217 1.74 8.85 8.39
CA ASN A 217 0.44 8.22 8.63
C ASN A 217 -0.02 8.44 10.06
N ASP A 218 0.87 8.15 11.00
CA ASP A 218 0.66 8.38 12.43
C ASP A 218 0.32 9.84 12.73
N ARG A 219 1.14 10.76 12.20
CA ARG A 219 1.01 12.19 12.44
C ARG A 219 -0.35 12.76 12.05
N VAL A 220 -0.85 12.41 10.86
CA VAL A 220 -2.14 12.95 10.43
C VAL A 220 -3.29 12.31 11.20
N ALA A 221 -3.15 11.02 11.53
CA ALA A 221 -4.15 10.34 12.36
C ALA A 221 -4.37 11.11 13.64
N ARG A 222 -3.29 11.43 14.35
CA ARG A 222 -3.33 12.21 15.59
C ARG A 222 -4.29 13.41 15.57
N HIS A 223 -4.40 14.09 14.43
CA HIS A 223 -5.18 15.32 14.34
C HIS A 223 -6.68 15.17 14.65
N PHE A 224 -7.25 14.00 14.36
CA PHE A 224 -8.69 13.77 14.54
C PHE A 224 -9.07 13.39 15.96
N LYS A 236 -15.36 11.49 8.16
CA LYS A 236 -14.84 11.88 9.46
C LYS A 236 -13.34 11.59 9.57
N LYS A 237 -12.99 10.50 10.28
CA LYS A 237 -11.60 10.08 10.45
C LYS A 237 -11.00 9.59 9.13
N GLN A 238 -9.94 10.27 8.66
CA GLN A 238 -9.25 9.85 7.45
C GLN A 238 -7.75 9.64 7.71
N ILE A 239 -7.13 8.83 6.85
CA ILE A 239 -5.73 8.46 7.01
C ILE A 239 -5.10 8.22 5.63
N PRO A 240 -3.84 8.67 5.48
CA PRO A 240 -3.16 8.39 4.23
C PRO A 240 -2.83 6.91 4.16
N CYS A 241 -2.58 6.41 2.97
CA CYS A 241 -2.15 5.03 2.81
C CYS A 241 -0.92 4.95 1.92
N VAL A 242 -0.12 3.91 2.13
CA VAL A 242 1.04 3.69 1.31
C VAL A 242 0.89 2.39 0.53
N VAL A 243 0.93 2.49 -0.79
CA VAL A 243 0.88 1.29 -1.60
C VAL A 243 2.30 1.02 -2.08
N SER A 244 2.88 -0.10 -1.66
CA SER A 244 4.25 -0.41 -2.01
C SER A 244 4.41 -1.63 -2.92
N MET A 245 4.97 -1.40 -4.10
CA MET A 245 5.47 -2.50 -4.92
C MET A 245 7.00 -2.47 -4.97
N LEU A 246 7.62 -1.85 -3.97
CA LEU A 246 9.09 -1.79 -3.89
C LEU A 246 9.69 -3.18 -3.74
N THR A 247 10.93 -3.37 -4.20
CA THR A 247 11.62 -4.65 -4.03
C THR A 247 12.81 -4.60 -3.05
N LYS A 248 13.13 -3.39 -2.58
CA LYS A 248 14.27 -3.17 -1.70
C LYS A 248 13.98 -2.06 -0.69
N GLU A 249 14.92 -1.82 0.22
CA GLU A 249 14.76 -0.74 1.19
C GLU A 249 15.21 0.57 0.52
N LEU A 250 14.53 1.67 0.83
CA LEU A 250 14.87 2.94 0.20
C LEU A 250 15.34 3.95 1.23
N TYR A 251 16.60 4.36 1.08
CA TYR A 251 17.16 5.42 1.89
C TYR A 251 17.65 6.48 0.94
N PHE A 252 17.61 7.74 1.36
CA PHE A 252 18.01 8.83 0.49
C PHE A 252 19.49 9.25 0.62
N SER A 253 20.36 8.31 0.98
CA SER A 253 21.78 8.60 1.15
C SER A 253 22.71 7.43 0.75
N GLN A 254 24.02 7.62 0.92
CA GLN A 254 25.10 6.72 0.45
C GLN A 254 25.17 6.60 -1.08
N VAL B 6 2.30 6.60 22.93
CA VAL B 6 2.76 7.01 21.57
C VAL B 6 4.30 7.03 21.39
N PRO B 7 5.02 7.98 22.04
CA PRO B 7 6.36 8.42 21.59
C PRO B 7 7.32 7.39 20.99
N THR B 8 7.24 6.10 21.34
CA THR B 8 7.95 5.09 20.56
C THR B 8 7.27 4.91 19.18
N TYR B 9 8.03 4.42 18.21
CA TYR B 9 7.60 4.39 16.84
C TYR B 9 7.19 2.98 16.38
N GLN B 10 7.01 2.11 17.37
CA GLN B 10 6.63 0.72 17.14
C GLN B 10 5.50 0.31 18.06
N TYR B 11 4.63 -0.56 17.54
CA TYR B 11 3.46 -1.06 18.25
C TYR B 11 3.86 -1.77 19.55
N ASN B 12 3.16 -1.45 20.63
CA ASN B 12 3.34 -2.15 21.89
C ASN B 12 2.97 -3.63 21.73
N MET B 13 3.91 -4.52 22.05
CA MET B 13 3.68 -5.96 21.89
C MET B 13 3.66 -6.71 23.22
N ASN B 14 3.66 -5.98 24.33
CA ASN B 14 3.58 -6.59 25.64
C ASN B 14 2.16 -7.02 26.00
N PHE B 15 1.70 -8.10 25.39
CA PHE B 15 0.40 -8.67 25.72
C PHE B 15 0.53 -10.15 26.07
N GLU B 16 -0.47 -10.68 26.78
CA GLU B 16 -0.56 -12.11 27.11
C GLU B 16 -0.25 -12.99 25.89
N LYS B 17 -0.70 -12.55 24.73
CA LYS B 17 -0.59 -13.33 23.50
C LYS B 17 -0.47 -12.44 22.27
N LEU B 18 0.13 -12.99 21.21
CA LEU B 18 0.32 -12.27 19.95
C LEU B 18 -0.99 -11.93 19.25
N GLY B 19 -1.92 -12.89 19.25
CA GLY B 19 -3.26 -12.66 18.74
C GLY B 19 -3.73 -13.80 17.88
N LYS B 20 -4.93 -13.66 17.31
CA LYS B 20 -5.46 -14.73 16.46
C LYS B 20 -4.99 -14.61 15.04
N CYS B 21 -4.82 -15.77 14.41
CA CYS B 21 -4.55 -15.88 12.99
C CYS B 21 -5.56 -16.83 12.35
N ILE B 22 -6.49 -16.27 11.57
CA ILE B 22 -7.52 -17.04 10.89
C ILE B 22 -7.08 -17.35 9.45
N ILE B 23 -6.95 -18.63 9.12
CA ILE B 23 -6.69 -19.00 7.74
C ILE B 23 -7.97 -19.53 7.10
N ILE B 24 -8.32 -19.02 5.93
CA ILE B 24 -9.43 -19.58 5.18
C ILE B 24 -8.85 -20.22 3.91
N ASN B 25 -8.96 -21.55 3.84
CA ASN B 25 -8.36 -22.32 2.78
C ASN B 25 -9.41 -22.93 1.86
N ASN B 26 -9.78 -22.18 0.82
CA ASN B 26 -10.78 -22.64 -0.14
C ASN B 26 -10.12 -23.39 -1.29
N LYS B 27 -10.22 -24.71 -1.28
CA LYS B 27 -9.71 -25.54 -2.37
C LYS B 27 -10.79 -25.83 -3.40
N ASN B 28 -11.91 -26.38 -2.95
CA ASN B 28 -12.97 -26.83 -3.85
C ASN B 28 -14.16 -25.87 -3.93
N PHE B 29 -14.63 -25.65 -5.15
CA PHE B 29 -15.72 -24.71 -5.41
C PHE B 29 -16.88 -25.39 -6.14
N ASP B 30 -18.11 -24.96 -5.85
CA ASP B 30 -19.31 -25.44 -6.53
C ASP B 30 -19.18 -25.24 -8.03
N LYS B 31 -19.55 -26.27 -8.80
CA LYS B 31 -19.42 -26.25 -10.26
C LYS B 31 -20.10 -25.04 -10.88
N VAL B 32 -21.14 -24.55 -10.21
CA VAL B 32 -21.93 -23.40 -10.64
C VAL B 32 -21.10 -22.12 -10.79
N THR B 33 -20.11 -21.94 -9.91
CA THR B 33 -19.23 -20.77 -9.95
C THR B 33 -18.32 -20.79 -11.18
N GLY B 34 -18.08 -21.98 -11.71
CA GLY B 34 -17.20 -22.18 -12.84
C GLY B 34 -15.73 -22.03 -12.49
N MET B 35 -15.40 -22.25 -11.22
CA MET B 35 -14.01 -22.19 -10.77
C MET B 35 -13.42 -23.58 -10.55
N GLY B 36 -12.14 -23.73 -10.87
CA GLY B 36 -11.47 -25.03 -10.74
C GLY B 36 -10.92 -25.32 -9.36
N VAL B 37 -10.52 -26.57 -9.15
CA VAL B 37 -9.81 -26.98 -7.94
C VAL B 37 -8.51 -26.20 -7.84
N ARG B 38 -8.29 -25.55 -6.71
CA ARG B 38 -7.07 -24.79 -6.48
C ARG B 38 -5.99 -25.72 -5.97
N ASN B 39 -5.35 -26.46 -6.87
CA ASN B 39 -4.32 -27.40 -6.46
C ASN B 39 -3.11 -26.70 -5.87
N GLY B 40 -2.61 -27.22 -4.76
CA GLY B 40 -1.45 -26.65 -4.09
C GLY B 40 -1.81 -25.67 -2.98
N THR B 41 -3.10 -25.48 -2.71
CA THR B 41 -3.50 -24.56 -1.66
C THR B 41 -3.38 -25.16 -0.26
N ASP B 42 -3.45 -26.48 -0.15
CA ASP B 42 -3.21 -27.16 1.11
C ASP B 42 -1.75 -26.93 1.51
N LYS B 43 -0.82 -27.12 0.56
CA LYS B 43 0.59 -26.89 0.85
C LYS B 43 0.80 -25.47 1.40
N ASP B 44 0.04 -24.52 0.89
CA ASP B 44 0.03 -23.14 1.40
C ASP B 44 -0.55 -23.04 2.81
N ALA B 45 -1.72 -23.62 3.00
CA ALA B 45 -2.41 -23.58 4.29
C ALA B 45 -1.52 -24.15 5.39
N GLU B 46 -0.87 -25.27 5.08
CA GLU B 46 0.00 -25.94 6.03
C GLU B 46 1.25 -25.15 6.36
N ALA B 47 1.94 -24.62 5.35
CA ALA B 47 3.13 -23.81 5.55
C ALA B 47 2.83 -22.57 6.38
N LEU B 48 1.72 -21.91 6.05
CA LEU B 48 1.28 -20.70 6.73
C LEU B 48 0.96 -20.96 8.19
N PHE B 49 0.22 -22.03 8.45
CA PHE B 49 -0.19 -22.36 9.82
C PHE B 49 1.03 -22.68 10.69
N LYS B 50 1.91 -23.53 10.17
CA LYS B 50 3.18 -23.82 10.82
C LYS B 50 3.98 -22.54 11.07
N CYS B 51 4.07 -21.70 10.03
CA CYS B 51 4.76 -20.42 10.13
C CYS B 51 4.17 -19.49 11.20
N PHE B 52 2.88 -19.25 11.12
CA PHE B 52 2.26 -18.28 12.03
C PHE B 52 2.12 -18.84 13.42
N ARG B 53 2.08 -20.17 13.53
CA ARG B 53 2.05 -20.83 14.84
C ARG B 53 3.36 -20.52 15.52
N SER B 54 4.43 -20.66 14.74
CA SER B 54 5.80 -20.51 15.19
C SER B 54 6.06 -19.08 15.66
N LEU B 55 5.45 -18.10 15.00
CA LEU B 55 5.52 -16.70 15.43
C LEU B 55 4.88 -16.49 16.80
N GLY B 56 3.90 -17.32 17.14
CA GLY B 56 3.23 -17.22 18.41
C GLY B 56 1.76 -16.82 18.31
N PHE B 57 1.21 -16.90 17.10
CA PHE B 57 -0.21 -16.65 16.86
C PHE B 57 -1.00 -17.89 17.25
N ASP B 58 -2.27 -17.72 17.62
CA ASP B 58 -3.20 -18.85 17.79
C ASP B 58 -3.89 -19.11 16.45
N VAL B 59 -3.40 -20.11 15.72
CA VAL B 59 -3.88 -20.41 14.37
C VAL B 59 -5.17 -21.25 14.35
N ILE B 60 -6.13 -20.83 13.53
CA ILE B 60 -7.32 -21.62 13.20
C ILE B 60 -7.37 -21.76 11.68
N VAL B 61 -7.60 -22.98 11.19
CA VAL B 61 -7.67 -23.22 9.75
C VAL B 61 -9.06 -23.72 9.31
N TYR B 62 -9.74 -22.89 8.51
CA TYR B 62 -11.04 -23.24 7.95
C TYR B 62 -10.85 -23.61 6.50
N ASN B 63 -11.66 -24.57 6.04
CA ASN B 63 -11.53 -25.07 4.67
C ASN B 63 -12.84 -25.17 3.89
N ASP B 64 -12.75 -24.93 2.58
CA ASP B 64 -13.89 -24.97 1.66
C ASP B 64 -15.12 -24.27 2.23
N CYS B 65 -14.99 -22.98 2.54
CA CYS B 65 -16.08 -22.23 3.15
C CYS B 65 -17.08 -21.60 2.18
N SER B 66 -18.34 -21.61 2.56
CA SER B 66 -19.36 -20.78 1.91
C SER B 66 -19.08 -19.29 2.17
N CYS B 67 -19.76 -18.43 1.43
CA CYS B 67 -19.66 -17.00 1.64
C CYS B 67 -20.20 -16.61 3.02
N ALA B 68 -21.36 -17.17 3.38
CA ALA B 68 -21.97 -16.96 4.69
C ALA B 68 -21.07 -17.41 5.85
N LYS B 69 -20.33 -18.49 5.67
CA LYS B 69 -19.35 -18.92 6.67
C LYS B 69 -18.25 -17.87 6.82
N MET B 70 -17.61 -17.48 5.73
CA MET B 70 -16.55 -16.49 5.81
C MET B 70 -17.03 -15.22 6.50
N GLN B 71 -18.24 -14.78 6.17
CA GLN B 71 -18.86 -13.59 6.76
C GLN B 71 -19.12 -13.72 8.26
N ASP B 72 -19.77 -14.82 8.66
CA ASP B 72 -20.13 -15.10 10.04
C ASP B 72 -18.86 -15.33 10.90
N LEU B 73 -18.00 -16.19 10.38
CA LEU B 73 -16.68 -16.47 10.92
C LEU B 73 -15.97 -15.23 11.44
N LEU B 74 -15.75 -14.28 10.54
CA LEU B 74 -14.99 -13.09 10.85
C LEU B 74 -15.75 -12.10 11.73
N LYS B 75 -17.07 -12.02 11.58
CA LYS B 75 -17.90 -11.18 12.46
C LYS B 75 -17.79 -11.64 13.91
N LYS B 76 -17.82 -12.96 14.10
CA LYS B 76 -17.71 -13.52 15.43
C LYS B 76 -16.30 -13.36 15.96
N ALA B 77 -15.32 -13.40 15.07
CA ALA B 77 -13.95 -13.10 15.46
C ALA B 77 -13.82 -11.65 15.92
N SER B 78 -14.51 -10.76 15.22
CA SER B 78 -14.46 -9.34 15.52
C SER B 78 -15.22 -9.00 16.79
N GLU B 79 -16.07 -9.92 17.24
CA GLU B 79 -16.89 -9.71 18.43
C GLU B 79 -16.27 -10.33 19.68
N GLU B 80 -15.13 -11.01 19.51
CA GLU B 80 -14.39 -11.58 20.62
C GLU B 80 -13.74 -10.45 21.44
N ASP B 81 -13.17 -10.81 22.59
CA ASP B 81 -12.45 -9.86 23.39
C ASP B 81 -10.96 -9.98 23.05
N HIS B 82 -10.38 -8.93 22.48
CA HIS B 82 -8.98 -8.94 22.04
C HIS B 82 -8.04 -8.13 22.94
N THR B 83 -8.46 -7.87 24.18
CA THR B 83 -7.74 -6.98 25.09
C THR B 83 -6.35 -7.47 25.45
N ASN B 84 -6.19 -8.80 25.46
CA ASN B 84 -4.93 -9.42 25.84
C ASN B 84 -4.05 -9.80 24.64
N ALA B 85 -4.38 -9.23 23.47
CA ALA B 85 -3.66 -9.54 22.22
C ALA B 85 -3.00 -8.32 21.62
N ALA B 86 -1.88 -8.56 20.93
CA ALA B 86 -1.10 -7.50 20.31
C ALA B 86 -1.64 -7.10 18.94
N CYS B 87 -2.15 -8.08 18.20
CA CYS B 87 -2.63 -7.83 16.85
C CYS B 87 -3.60 -8.91 16.41
N PHE B 88 -4.01 -8.84 15.15
CA PHE B 88 -4.88 -9.82 14.55
C PHE B 88 -4.44 -10.09 13.13
N ALA B 89 -4.28 -11.36 12.77
CA ALA B 89 -3.98 -11.74 11.39
C ALA B 89 -5.09 -12.59 10.79
N CYS B 90 -5.33 -12.37 9.50
CA CYS B 90 -6.29 -13.18 8.76
C CYS B 90 -5.72 -13.45 7.36
N ILE B 91 -5.78 -14.70 6.92
CA ILE B 91 -5.26 -15.08 5.63
C ILE B 91 -6.33 -15.70 4.76
N LEU B 92 -6.54 -15.14 3.58
CA LEU B 92 -7.54 -15.66 2.65
C LEU B 92 -6.88 -16.32 1.45
N LEU B 93 -7.08 -17.62 1.30
CA LEU B 93 -6.58 -18.36 0.14
C LEU B 93 -7.77 -18.88 -0.66
N SER B 94 -7.96 -18.31 -1.84
CA SER B 94 -9.15 -18.61 -2.63
C SER B 94 -8.99 -18.08 -4.05
N HIS B 95 -10.08 -18.20 -4.82
CA HIS B 95 -10.21 -17.49 -6.09
C HIS B 95 -10.67 -16.09 -5.74
N GLY B 96 -10.26 -15.13 -6.55
CA GLY B 96 -10.57 -13.75 -6.25
C GLY B 96 -10.42 -12.92 -7.49
N GLU B 97 -11.42 -12.10 -7.76
CA GLU B 97 -11.36 -11.11 -8.83
C GLU B 97 -11.20 -9.78 -8.11
N GLU B 98 -11.81 -8.73 -8.64
CA GLU B 98 -11.54 -7.34 -8.24
C GLU B 98 -11.48 -7.05 -6.72
N ASN B 99 -12.60 -6.61 -6.18
CA ASN B 99 -12.72 -6.27 -4.75
C ASN B 99 -13.45 -7.41 -4.07
N VAL B 100 -13.36 -8.59 -4.70
CA VAL B 100 -14.15 -9.74 -4.33
C VAL B 100 -13.32 -11.01 -4.16
N ILE B 101 -13.62 -11.75 -3.09
CA ILE B 101 -13.07 -13.07 -2.88
C ILE B 101 -14.16 -14.13 -3.06
N TYR B 102 -13.79 -15.30 -3.57
CA TYR B 102 -14.73 -16.39 -3.76
C TYR B 102 -14.87 -17.22 -2.50
N GLY B 103 -16.11 -17.38 -2.04
CA GLY B 103 -16.46 -18.48 -1.17
C GLY B 103 -16.60 -19.71 -2.07
N LYS B 104 -17.09 -20.81 -1.51
CA LYS B 104 -17.24 -22.01 -2.32
C LYS B 104 -18.50 -21.94 -3.16
N ASP B 105 -19.50 -21.22 -2.66
CA ASP B 105 -20.80 -21.14 -3.33
C ASP B 105 -20.99 -19.83 -4.12
N GLY B 106 -20.02 -18.93 -4.03
CA GLY B 106 -20.18 -17.65 -4.66
C GLY B 106 -19.02 -16.71 -4.46
N VAL B 107 -19.33 -15.47 -4.10
CA VAL B 107 -18.42 -14.36 -4.26
C VAL B 107 -18.82 -13.23 -3.30
N THR B 108 -18.01 -12.97 -2.28
CA THR B 108 -18.23 -11.81 -1.39
C THR B 108 -17.16 -10.74 -1.50
N PRO B 109 -17.55 -9.49 -1.26
CA PRO B 109 -16.60 -8.37 -1.23
C PRO B 109 -15.62 -8.45 -0.06
N ILE B 110 -14.33 -8.52 -0.42
CA ILE B 110 -13.22 -8.56 0.54
C ILE B 110 -13.36 -7.46 1.59
N LYS B 111 -14.07 -6.40 1.21
CA LYS B 111 -14.23 -5.22 2.04
C LYS B 111 -15.13 -5.48 3.24
N ASP B 112 -16.22 -6.22 3.00
CA ASP B 112 -17.20 -6.53 4.04
C ASP B 112 -16.62 -7.48 5.07
N LEU B 113 -15.68 -8.33 4.64
CA LEU B 113 -14.96 -9.21 5.55
C LEU B 113 -14.11 -8.41 6.54
N THR B 114 -13.40 -7.40 6.02
CA THR B 114 -12.47 -6.65 6.86
C THR B 114 -13.19 -5.56 7.64
N ALA B 115 -14.38 -5.20 7.18
CA ALA B 115 -15.15 -4.12 7.80
C ALA B 115 -15.34 -4.32 9.29
N HIS B 116 -15.42 -5.57 9.72
CA HIS B 116 -15.77 -5.90 11.10
C HIS B 116 -14.69 -5.49 12.11
N PHE B 117 -13.46 -5.35 11.63
CA PHE B 117 -12.33 -5.10 12.53
C PHE B 117 -11.95 -3.63 12.61
N ARG B 118 -12.94 -2.75 12.50
CA ARG B 118 -12.71 -1.31 12.51
C ARG B 118 -12.85 -0.73 13.90
N GLY B 119 -12.05 0.28 14.21
CA GLY B 119 -12.12 1.00 15.48
C GLY B 119 -13.55 1.17 15.97
N ALA B 120 -14.40 1.73 15.12
CA ALA B 120 -15.84 1.80 15.37
C ALA B 120 -16.44 0.49 15.91
N ARG B 121 -16.31 -0.61 15.17
CA ARG B 121 -16.99 -1.85 15.55
C ARG B 121 -16.14 -2.96 16.17
N CYS B 122 -14.91 -2.66 16.55
CA CYS B 122 -14.02 -3.65 17.20
C CYS B 122 -13.07 -2.97 18.16
N LYS B 123 -13.64 -2.39 19.21
CA LYS B 123 -12.92 -1.48 20.10
C LYS B 123 -11.71 -2.10 20.81
N THR B 124 -11.69 -3.43 20.92
CA THR B 124 -10.62 -4.15 21.61
C THR B 124 -9.36 -4.34 20.75
N LEU B 125 -9.43 -3.93 19.48
CA LEU B 125 -8.28 -3.98 18.59
C LEU B 125 -7.95 -2.58 18.06
N LEU B 126 -8.25 -1.56 18.86
CA LEU B 126 -7.90 -0.19 18.51
C LEU B 126 -6.41 0.05 18.72
N GLU B 127 -5.79 0.75 17.76
CA GLU B 127 -4.34 1.03 17.77
C GLU B 127 -3.50 -0.26 17.78
N LYS B 128 -4.12 -1.36 17.37
CA LYS B 128 -3.44 -2.64 17.18
C LYS B 128 -3.54 -3.01 15.71
N PRO B 129 -2.43 -3.47 15.14
CA PRO B 129 -2.37 -3.78 13.70
C PRO B 129 -3.29 -4.94 13.30
N LYS B 130 -4.06 -4.72 12.23
CA LYS B 130 -4.94 -5.74 11.69
C LYS B 130 -4.44 -6.16 10.32
N LEU B 131 -4.01 -7.41 10.22
CA LEU B 131 -3.21 -7.86 9.08
C LEU B 131 -3.94 -8.84 8.19
N PHE B 132 -4.16 -8.43 6.94
CA PHE B 132 -4.81 -9.28 5.96
C PHE B 132 -3.87 -9.68 4.86
N PHE B 133 -3.58 -10.98 4.76
CA PHE B 133 -2.76 -11.49 3.68
C PHE B 133 -3.65 -12.21 2.69
N ILE B 134 -3.85 -11.64 1.51
CA ILE B 134 -4.72 -12.24 0.53
C ILE B 134 -3.95 -12.91 -0.61
N GLN B 135 -4.23 -14.19 -0.82
CA GLN B 135 -3.71 -14.94 -1.97
C GLN B 135 -4.88 -15.34 -2.84
N ALA B 136 -5.36 -14.38 -3.63
CA ALA B 136 -6.49 -14.57 -4.53
C ALA B 136 -6.03 -14.91 -5.94
N CYS B 137 -6.38 -16.15 -6.41
CA CYS B 137 -6.20 -16.66 -7.77
C CYS B 137 -7.28 -16.08 -8.70
N ARG B 138 -6.88 -15.69 -9.91
CA ARG B 138 -7.83 -15.15 -10.88
C ARG B 138 -8.80 -16.22 -11.43
N GLY B 139 -8.36 -16.93 -12.47
CA GLY B 139 -9.20 -17.92 -13.13
C GLY B 139 -10.04 -17.31 -14.24
N PRO B 160 -10.51 -3.92 -14.63
CA PRO B 160 -11.30 -4.47 -13.51
C PRO B 160 -10.90 -3.82 -12.16
N ARG B 161 -11.80 -3.01 -11.60
CA ARG B 161 -11.46 -2.10 -10.49
C ARG B 161 -11.99 -2.46 -9.10
N TYR B 162 -11.24 -2.05 -8.07
CA TYR B 162 -11.54 -2.34 -6.67
C TYR B 162 -11.66 -1.07 -5.82
N LYS B 163 -12.00 -1.23 -4.54
CA LYS B 163 -12.08 -0.11 -3.61
C LYS B 163 -11.58 -0.51 -2.23
N ILE B 164 -10.38 -0.05 -1.89
CA ILE B 164 -9.71 -0.40 -0.63
C ILE B 164 -10.23 0.45 0.53
N PRO B 165 -10.64 -0.24 1.59
CA PRO B 165 -11.07 0.44 2.83
C PRO B 165 -9.91 1.17 3.48
N VAL B 166 -10.15 2.40 3.92
CA VAL B 166 -9.09 3.24 4.47
C VAL B 166 -9.27 3.48 5.96
N GLU B 167 -8.70 2.59 6.78
CA GLU B 167 -8.75 2.75 8.23
C GLU B 167 -7.39 2.51 8.85
N ALA B 168 -7.08 3.27 9.90
CA ALA B 168 -5.79 3.19 10.58
C ALA B 168 -5.47 1.80 11.11
N ASP B 169 -4.18 1.46 11.09
CA ASP B 169 -3.68 0.17 11.57
C ASP B 169 -4.16 -1.04 10.80
N PHE B 170 -4.61 -0.83 9.57
CA PHE B 170 -4.85 -1.95 8.68
C PHE B 170 -3.60 -2.16 7.83
N LEU B 171 -3.42 -3.36 7.29
CA LEU B 171 -2.38 -3.65 6.32
C LEU B 171 -2.81 -4.81 5.43
N PHE B 172 -2.70 -4.61 4.13
CA PHE B 172 -3.07 -5.62 3.16
C PHE B 172 -1.86 -6.11 2.39
N ALA B 173 -1.79 -7.41 2.17
CA ALA B 173 -0.75 -7.97 1.31
C ALA B 173 -1.43 -8.85 0.28
N TYR B 174 -1.74 -8.24 -0.86
CA TYR B 174 -2.55 -8.83 -1.90
C TYR B 174 -1.62 -9.34 -2.98
N SER B 175 -1.61 -10.64 -3.19
CA SER B 175 -0.87 -11.21 -4.29
C SER B 175 -1.84 -11.82 -5.24
N THR B 176 -1.44 -11.86 -6.51
CA THR B 176 -2.30 -12.22 -7.63
C THR B 176 -1.70 -13.42 -8.35
N VAL B 177 -0.37 -13.41 -8.39
CA VAL B 177 0.48 -14.46 -8.96
C VAL B 177 0.04 -15.86 -8.54
N PRO B 178 -0.23 -16.73 -9.52
CA PRO B 178 -0.63 -18.12 -9.25
C PRO B 178 0.56 -19.08 -9.07
N GLY B 189 2.92 -25.27 -4.27
CA GLY B 189 2.63 -24.13 -3.43
C GLY B 189 2.73 -22.81 -4.17
N SER B 190 1.95 -21.82 -3.73
CA SER B 190 1.98 -20.48 -4.30
C SER B 190 3.34 -19.80 -4.05
N TRP B 191 3.84 -19.08 -5.07
CA TRP B 191 5.14 -18.38 -4.99
C TRP B 191 5.20 -17.34 -3.89
N PHE B 192 4.13 -16.54 -3.81
CA PHE B 192 3.92 -15.60 -2.73
C PHE B 192 3.88 -16.29 -1.36
N VAL B 193 2.94 -17.22 -1.21
CA VAL B 193 2.76 -17.89 0.08
C VAL B 193 4.07 -18.54 0.55
N GLN B 194 4.70 -19.30 -0.34
CA GLN B 194 5.98 -19.95 -0.05
C GLN B 194 7.03 -18.94 0.41
N ALA B 195 7.14 -17.83 -0.31
CA ALA B 195 8.14 -16.80 0.02
C ALA B 195 7.82 -16.14 1.34
N LEU B 196 6.55 -15.86 1.59
CA LEU B 196 6.12 -15.20 2.82
C LEU B 196 6.59 -16.04 4.02
N CYS B 197 6.26 -17.32 3.99
CA CYS B 197 6.63 -18.26 5.05
C CYS B 197 8.13 -18.40 5.25
N SER B 198 8.88 -18.56 4.16
CA SER B 198 10.32 -18.73 4.22
C SER B 198 11.04 -17.53 4.84
N ILE B 199 10.67 -16.31 4.43
CA ILE B 199 11.21 -15.09 5.04
C ILE B 199 10.73 -14.95 6.47
N LEU B 200 9.45 -15.26 6.70
CA LEU B 200 8.84 -15.07 8.02
C LEU B 200 9.42 -16.04 9.04
N GLU B 201 9.76 -17.25 8.61
CA GLU B 201 10.38 -18.20 9.53
C GLU B 201 11.81 -17.78 9.93
N GLU B 202 12.59 -17.30 8.96
CA GLU B 202 13.98 -16.93 9.19
C GLU B 202 14.19 -15.51 9.77
N HIS B 203 13.38 -14.54 9.36
CA HIS B 203 13.52 -13.18 9.88
C HIS B 203 12.32 -12.67 10.67
N GLY B 204 11.33 -13.53 10.88
CA GLY B 204 10.09 -13.15 11.54
C GLY B 204 10.21 -12.39 12.85
N LYS B 205 11.29 -12.63 13.58
CA LYS B 205 11.44 -12.00 14.89
C LYS B 205 12.55 -10.93 14.98
N ASP B 206 13.08 -10.51 13.85
CA ASP B 206 14.10 -9.45 13.84
C ASP B 206 13.80 -8.34 12.84
N LEU B 207 13.09 -8.66 11.76
CA LEU B 207 12.70 -7.63 10.80
C LEU B 207 11.31 -7.07 11.08
N GLU B 208 11.00 -5.93 10.47
CA GLU B 208 9.70 -5.27 10.58
C GLU B 208 8.87 -5.70 9.36
N ILE B 209 7.53 -5.72 9.47
CA ILE B 209 6.72 -6.31 8.37
C ILE B 209 7.05 -5.73 7.02
N MET B 210 7.24 -4.42 6.96
CA MET B 210 7.52 -3.76 5.69
C MET B 210 8.81 -4.28 5.10
N GLN B 211 9.75 -4.67 5.96
CA GLN B 211 10.97 -5.33 5.52
C GLN B 211 10.67 -6.74 5.04
N ILE B 212 9.99 -7.53 5.87
CA ILE B 212 9.58 -8.88 5.48
C ILE B 212 8.92 -8.88 4.10
N LEU B 213 7.89 -8.07 3.96
CA LEU B 213 7.04 -8.10 2.79
C LEU B 213 7.73 -7.50 1.57
N THR B 214 8.63 -6.56 1.82
CA THR B 214 9.47 -6.01 0.74
C THR B 214 10.32 -7.12 0.16
N ARG B 215 10.90 -7.93 1.04
CA ARG B 215 11.71 -9.08 0.65
C ARG B 215 10.87 -10.11 -0.06
N VAL B 216 9.61 -10.24 0.36
CA VAL B 216 8.66 -11.13 -0.31
C VAL B 216 8.45 -10.64 -1.75
N ASN B 217 7.95 -9.41 -1.93
CA ASN B 217 7.82 -8.83 -3.26
C ASN B 217 9.02 -9.22 -4.15
N ASP B 218 10.23 -8.99 -3.63
CA ASP B 218 11.45 -9.26 -4.35
C ASP B 218 11.58 -10.69 -4.89
N ARG B 219 11.28 -11.72 -4.10
CA ARG B 219 11.41 -13.08 -4.65
C ARG B 219 10.37 -13.50 -5.65
N VAL B 220 9.10 -13.14 -5.42
CA VAL B 220 8.11 -13.51 -6.41
C VAL B 220 8.46 -12.76 -7.70
N ALA B 221 9.01 -11.56 -7.55
CA ALA B 221 9.52 -10.77 -8.67
C ALA B 221 10.71 -11.45 -9.35
N ARG B 222 11.59 -12.09 -8.57
CA ARG B 222 12.74 -12.82 -9.12
C ARG B 222 12.37 -14.10 -9.85
N HIS B 223 11.26 -14.73 -9.45
CA HIS B 223 10.75 -15.91 -10.16
C HIS B 223 10.46 -15.56 -11.63
N PHE B 224 10.55 -14.24 -11.96
CA PHE B 224 10.26 -13.69 -13.32
C PHE B 224 11.30 -12.75 -13.99
N GLU B 225 12.42 -13.26 -14.44
CA GLU B 225 13.23 -12.67 -15.50
C GLU B 225 13.02 -13.89 -16.35
N SER B 226 11.83 -13.90 -16.95
CA SER B 226 11.07 -15.21 -17.12
C SER B 226 11.89 -16.51 -17.30
N LYS B 237 4.50 -11.21 -16.16
CA LYS B 237 5.07 -10.84 -14.87
C LYS B 237 4.04 -10.13 -13.99
N GLN B 238 3.97 -10.53 -12.73
CA GLN B 238 3.23 -9.79 -11.71
C GLN B 238 4.09 -9.65 -10.45
N ILE B 239 3.52 -9.08 -9.40
CA ILE B 239 4.19 -8.87 -8.13
C ILE B 239 3.11 -8.59 -7.07
N PRO B 240 3.33 -8.96 -5.81
CA PRO B 240 2.37 -8.60 -4.77
C PRO B 240 2.50 -7.13 -4.44
N CYS B 241 1.44 -6.54 -3.91
CA CYS B 241 1.45 -5.14 -3.52
C CYS B 241 1.09 -5.05 -2.05
N VAL B 242 1.75 -4.16 -1.32
CA VAL B 242 1.47 -4.01 0.11
C VAL B 242 0.78 -2.67 0.34
N VAL B 243 -0.39 -2.71 0.96
CA VAL B 243 -1.14 -1.49 1.28
C VAL B 243 -1.05 -1.28 2.78
N SER B 244 -0.41 -0.18 3.21
CA SER B 244 -0.21 0.05 4.63
C SER B 244 -0.95 1.27 5.14
N MET B 245 -1.71 1.08 6.20
CA MET B 245 -2.34 2.15 6.95
C MET B 245 -1.83 2.10 8.37
N LEU B 246 -0.77 1.31 8.55
CA LEU B 246 -0.14 1.14 9.85
C LEU B 246 0.35 2.48 10.35
N THR B 247 0.36 2.67 11.67
CA THR B 247 0.76 3.94 12.28
C THR B 247 2.05 3.82 13.08
N LYS B 248 2.57 2.61 13.21
CA LYS B 248 3.84 2.36 13.88
C LYS B 248 4.56 1.23 13.17
N GLU B 249 5.80 0.96 13.58
CA GLU B 249 6.55 -0.17 13.07
C GLU B 249 6.06 -1.45 13.73
N LEU B 250 5.98 -2.53 12.99
CA LEU B 250 5.53 -3.77 13.59
C LEU B 250 6.64 -4.81 13.67
N TYR B 251 6.96 -5.17 14.91
CA TYR B 251 7.84 -6.28 15.18
C TYR B 251 7.04 -7.35 15.89
N PHE B 252 7.22 -8.58 15.45
CA PHE B 252 6.47 -9.69 16.02
C PHE B 252 7.10 -10.18 17.33
N SER B 253 8.32 -9.73 17.59
CA SER B 253 9.04 -10.08 18.81
C SER B 253 8.57 -9.25 20.00
N GLN B 254 9.38 -9.25 21.06
CA GLN B 254 8.93 -8.76 22.36
C GLN B 254 9.94 -7.77 22.96
S SO4 C . 6.55 12.24 16.14
O1 SO4 C . 7.83 11.53 16.18
O2 SO4 C . 5.51 11.44 16.75
O3 SO4 C . 6.65 13.51 16.90
O4 SO4 C . 6.25 12.53 14.74
O17 NXN D . -8.16 6.19 -2.91
C12 NXN D . -7.29 5.48 -3.43
N1 NXN D . -6.57 4.57 -2.76
C14 NXN D . -6.46 4.51 -1.30
C15 NXN D . -5.90 3.17 -0.86
S19 NXN D . -4.12 3.33 -0.71
C9 NXN D . -6.97 5.62 -4.90
O18 NXN D . -5.58 5.33 -5.05
C10 NXN D . -4.92 5.17 -6.24
C6 NXN D . -5.57 5.28 -7.48
C5 NXN D . -4.84 5.10 -8.66
C8 NXN D . -3.56 4.87 -6.20
CL4 NXN D . -2.70 4.72 -4.64
C11 NXN D . -2.84 4.70 -7.36
C16 NXN D . -3.49 4.81 -8.57
CL3 NXN D . -2.54 4.57 -10.04
S SO4 E . 16.57 -13.11 -0.47
O1 SO4 E . 17.21 -14.07 -1.37
O2 SO4 E . 15.84 -13.81 0.60
O3 SO4 E . 17.60 -12.24 0.12
O4 SO4 E . 15.61 -12.31 -1.23
S SO4 F . -2.97 -29.44 -2.10
O1 SO4 F . -1.51 -29.45 -1.86
O2 SO4 F . -3.56 -30.76 -1.78
O3 SO4 F . -3.61 -28.41 -1.26
O4 SO4 F . -3.25 -29.10 -3.50
O17 NXN G . -5.59 -6.26 -6.75
C12 NXN G . -5.69 -5.63 -5.70
N1 NXN G . -4.65 -4.98 -5.14
C14 NXN G . -3.67 -4.23 -5.92
C15 NXN G . -3.26 -2.91 -5.26
S19 NXN G . -2.36 -3.25 -3.73
C9 NXN G . -7.01 -5.57 -4.96
O18 NXN G . -6.84 -4.86 -3.72
C10 NXN G . -7.72 -4.88 -2.66
C6 NXN G . -9.11 -5.04 -2.79
C5 NXN G . -9.92 -5.02 -1.66
C8 NXN G . -7.18 -4.70 -1.40
CL4 NXN G . -5.42 -4.49 -1.27
C11 NXN G . -7.98 -4.68 -0.26
C16 NXN G . -9.36 -4.84 -0.40
CL3 NXN G . -10.39 -4.81 1.07
#